data_2O7Z
#
_entry.id   2O7Z
#
loop_
_entity.id
_entity.type
_entity.pdbx_description
1 polymer "5'-D(*CP*CP*AP*AP*AP*GP*(AAB)P*AP*CP*CP*GP*GP*G)-3'"
2 polymer "5'-D(*CP*CP*CP*GP*GP*TP*TP*CP*TP*TP*TP*GP*G)-3'"
#
loop_
_entity_poly.entity_id
_entity_poly.type
_entity_poly.pdbx_seq_one_letter_code
_entity_poly.pdbx_strand_id
1 'polydeoxyribonucleotide' (DC)(DC)(DA)(DA)(DA)(DG)(AAB)(DA)(DC)(DC)(DG)(DG)(DG) A
2 'polydeoxyribonucleotide' (DC)(DC)(DC)(DG)(DG)(DT)(DT)(DC)(DT)(DT)(DT)(DG)(DG) B
#